data_2KH0
#
_entry.id   2KH0
#
_cell.length_a   1.000
_cell.length_b   1.000
_cell.length_c   1.000
_cell.angle_alpha   90.00
_cell.angle_beta   90.00
_cell.angle_gamma   90.00
#
_symmetry.space_group_name_H-M   'P 1'
#
loop_
_entity.id
_entity.type
_entity.pdbx_description
1 polymer "5'-D(*GP*CP*TP*GP*CP*AP*(3DR)P*AP*CP*GP*TP*CP*G)-3'"
2 polymer "5'-D(*CP*GP*AP*CP*GP*TP*(3DR)P*TP*GP*CP*AP*GP*C)-3'"
3 non-polymer 7-nitro-9H-fluoren-2-ol
#
loop_
_entity_poly.entity_id
_entity_poly.type
_entity_poly.pdbx_seq_one_letter_code
_entity_poly.pdbx_strand_id
1 'polydeoxyribonucleotide' (DG)(DC)(DT)(DG)(DC)(DA)(3DR)(DA)(DC)(DG)(DT)(DC)(DG) A
2 'polydeoxyribonucleotide' (DC)(DG)(DA)(DC)(DG)(DT)(3DR)(DT)(DG)(DC)(DA)(DG)(DC) B
#
loop_
_chem_comp.id
_chem_comp.type
_chem_comp.name
_chem_comp.formula
3DR DNA linking 1',2'-DIDEOXYRIBOFURANOSE-5'-PHOSPHATE 'C5 H11 O6 P'
DA DNA linking 2'-DEOXYADENOSINE-5'-MONOPHOSPHATE 'C10 H14 N5 O6 P'
DC DNA linking 2'-DEOXYCYTIDINE-5'-MONOPHOSPHATE 'C9 H14 N3 O7 P'
DG DNA linking 2'-DEOXYGUANOSINE-5'-MONOPHOSPHATE 'C10 H14 N5 O7 P'
DT DNA linking THYMIDINE-5'-MONOPHOSPHATE 'C10 H15 N2 O8 P'
HNF non-polymer 7-nitro-9H-fluoren-2-ol 'C13 H9 N O3'
#
# COMPACT_ATOMS: atom_id res chain seq x y z
O5' 3DR A 7 -6.86 7.31 -3.26
P 3DR A 7 -6.13 8.72 -3.06
OP1 3DR A 7 -6.70 9.68 -4.04
OP2 3DR A 7 -6.14 9.05 -1.62
C2' 3DR A 7 -4.83 4.01 -0.83
C5' 3DR A 7 -6.82 6.31 -2.24
C4' 3DR A 7 -5.87 5.20 -2.64
O4' 3DR A 7 -4.51 5.66 -2.47
C1' 3DR A 7 -3.79 4.75 -1.66
C3' 3DR A 7 -5.99 3.92 -1.81
O3' 3DR A 7 -5.86 2.77 -2.64
H2' 3DR A 7 -5.11 4.56 0.06
H2'' 3DR A 7 -4.49 3.02 -0.53
H5' 3DR A 7 -7.81 5.89 -2.10
H5'' 3DR A 7 -6.48 6.75 -1.31
H4'1 3DR A 7 -6.10 4.93 -3.66
H1'2 3DR A 7 -3.09 5.31 -1.05
H3' 3DR A 7 -6.95 3.89 -1.29
O5' 3DR B 7 5.39 -8.00 3.59
P 3DR B 7 5.78 -7.02 4.78
OP1 3DR B 7 6.57 -7.80 5.78
OP2 3DR B 7 6.35 -5.78 4.21
C2' 3DR B 7 4.36 -5.74 1.50
C5' 3DR B 7 6.27 -8.23 2.50
C4' 3DR B 7 5.68 -7.71 1.22
O4' 3DR B 7 4.27 -8.06 1.18
C1' 3DR B 7 3.48 -6.89 1.08
C3' 3DR B 7 5.73 -6.20 1.03
O3' 3DR B 7 5.93 -5.87 -0.35
H2' 3DR B 7 4.34 -5.58 2.58
H2'' 3DR B 7 4.07 -4.80 1.03
H5' 3DR B 7 6.47 -9.30 2.40
H5'' 3DR B 7 7.22 -7.71 2.68
H4'1 3DR B 7 6.24 -8.15 0.38
H1'1 3DR B 7 3.15 -6.78 0.04
H1'2 3DR B 7 2.59 -6.99 1.71
H3' 3DR B 7 6.53 -5.76 1.63
O1 HNF C . -3.06 3.89 -2.53
C1 HNF C . -2.25 2.82 -2.02
C2 HNF C . -2.04 1.61 -2.69
C3 HNF C . -1.17 0.66 -2.16
C4 HNF C . -0.52 0.90 -0.95
C5 HNF C . -0.75 2.10 -0.28
C6 HNF C . -1.63 3.05 -0.79
C7 HNF C . 0.41 0.09 -0.19
C8 HNF C . 0.77 0.81 0.97
C9 HNF C . 0.07 2.14 0.99
C10 HNF C . 0.94 -1.17 -0.42
C11 HNF C . 1.86 -1.72 0.48
C12 HNF C . 2.17 -1.00 1.63
C13 HNF C . 1.66 0.26 1.90
N1 HNF C . 3.10 -1.61 2.62
O2 HNF C . 3.38 -0.96 3.63
O3 HNF C . 3.55 -2.72 2.37
H25' HNF C . -2.57 1.39 -3.62
H4' HNF C . -0.99 -0.26 -2.72
H1' HNF C . -1.86 3.98 -0.26
H12' HNF C . -0.55 2.26 1.86
H22' HNF C . 0.78 2.97 0.98
H3' HNF C . 0.66 -1.74 -1.31
HO3' HNF C . 2.33 -2.68 0.31
H3 HNF C . 1.96 0.79 2.80
O5' 3DR A 7 -6.13 7.64 -1.86
P 3DR A 7 -6.03 8.45 -3.23
OP1 3DR A 7 -6.87 7.76 -4.24
OP2 3DR A 7 -6.28 9.88 -2.93
C2' 3DR A 7 -4.99 3.93 -0.90
C5' 3DR A 7 -6.85 6.40 -1.77
C4' 3DR A 7 -6.11 5.31 -2.48
O4' 3DR A 7 -4.70 5.62 -2.52
C1' 3DR A 7 -3.96 4.72 -1.71
C3' 3DR A 7 -6.20 3.93 -1.82
O3' 3DR A 7 -6.10 2.89 -2.79
H2' 3DR A 7 -5.21 4.39 0.06
H2'' 3DR A 7 -4.64 2.91 -0.70
H5' 3DR A 7 -7.84 6.53 -2.25
H5'' 3DR A 7 -6.99 6.13 -0.73
H4'1 3DR A 7 -6.54 5.19 -3.48
H1'2 3DR A 7 -3.29 5.30 -1.07
H3' 3DR A 7 -7.12 3.83 -1.26
O5' 3DR B 7 5.59 -7.98 3.74
P 3DR B 7 5.89 -6.97 4.95
OP1 3DR B 7 6.56 -7.73 6.03
OP2 3DR B 7 6.52 -5.75 4.39
C2' 3DR B 7 4.60 -5.65 1.69
C5' 3DR B 7 6.53 -8.15 2.68
C4' 3DR B 7 5.96 -7.60 1.39
O4' 3DR B 7 4.56 -7.98 1.30
C1' 3DR B 7 3.76 -6.81 1.20
C3' 3DR B 7 6.00 -6.08 1.25
O3' 3DR B 7 6.24 -5.71 -0.11
H2' 3DR B 7 4.55 -5.52 2.77
H2'' 3DR B 7 4.32 -4.71 1.23
H5' 3DR B 7 6.75 -9.20 2.55
H5'' 3DR B 7 7.45 -7.61 2.91
H4'1 3DR B 7 6.56 -8.00 0.56
H1'1 3DR B 7 3.45 -6.68 0.17
H1'2 3DR B 7 2.86 -6.95 1.82
H3' 3DR B 7 6.77 -5.65 1.89
O1 HNF C . -3.20 3.90 -2.58
C1 HNF C . -2.35 2.85 -2.07
C2 HNF C . -2.07 1.66 -2.76
C3 HNF C . -1.18 0.73 -2.23
C4 HNF C . -0.58 0.97 -0.99
C5 HNF C . -0.89 2.14 -0.30
C6 HNF C . -1.78 3.07 -0.81
C7 HNF C . 0.34 0.18 -0.20
C8 HNF C . 0.63 0.87 0.98
C9 HNF C . -0.13 2.18 1.00
C10 HNF C . 0.93 -1.06 -0.45
C11 HNF C . 1.83 -1.59 0.47
C12 HNF C . 2.08 -0.90 1.65
C13 HNF C . 1.49 0.34 1.92
N1 HNF C . 3.00 -1.50 2.65
O2 HNF C . 3.22 -0.87 3.68
O3 HNF C . 3.51 -2.58 2.38
H25' HNF C . -2.54 1.46 -3.71
H4' HNF C . -0.95 -0.16 -2.80
H1' HNF C . -2.07 3.97 -0.26
H12' HNF C . -0.79 2.25 1.87
H22' HNF C . 0.55 3.03 1.05
H3' HNF C . 0.70 -1.61 -1.36
HO3' HNF C . 2.35 -2.54 0.28
H3 HNF C . 1.73 0.85 2.86
O5' 3DR A 7 -7.29 7.37 -3.59
P 3DR A 7 -6.51 8.72 -3.30
OP1 3DR A 7 -7.05 9.77 -4.21
OP2 3DR A 7 -6.52 8.97 -1.84
C2' 3DR A 7 -5.32 3.96 -1.31
C5' 3DR A 7 -7.29 6.30 -2.64
C4' 3DR A 7 -6.35 5.21 -3.08
O4' 3DR A 7 -4.99 5.67 -2.90
C1' 3DR A 7 -4.27 4.75 -2.08
C3' 3DR A 7 -6.47 3.89 -2.31
O3' 3DR A 7 -6.30 2.78 -3.19
H2' 3DR A 7 -5.61 4.45 -0.39
H2'' 3DR A 7 -4.96 2.96 -1.05
H5' 3DR A 7 -8.30 5.88 -2.56
H5'' 3DR A 7 -6.97 6.67 -1.66
H4'1 3DR A 7 -6.58 4.98 -4.12
H1'2 3DR A 7 -3.61 5.33 -1.43
H3' 3DR A 7 -7.44 3.82 -1.80
O5' 3DR B 7 5.50 -7.95 3.04
P 3DR B 7 5.85 -6.96 4.24
OP1 3DR B 7 6.60 -7.74 5.28
OP2 3DR B 7 6.46 -5.73 3.68
C2' 3DR B 7 4.44 -5.59 1.07
C5' 3DR B 7 6.38 -8.11 1.94
C4' 3DR B 7 5.76 -7.54 0.68
O4' 3DR B 7 4.36 -7.90 0.64
C1' 3DR B 7 3.58 -6.72 0.56
C3' 3DR B 7 5.81 -6.01 0.58
O3' 3DR B 7 6.01 -5.62 -0.79
H2' 3DR B 7 4.43 -5.49 2.15
H2'' 3DR B 7 4.16 -4.63 0.65
H5' 3DR B 7 6.58 -9.18 1.78
H5'' 3DR B 7 7.33 -7.60 2.13
H4'1 3DR B 7 6.33 -7.93 -0.17
H1'1 3DR B 7 3.27 -6.57 -0.46
H1'2 3DR B 7 2.67 -6.85 1.18
H3' 3DR B 7 6.61 -5.60 1.19
O1 HNF C . -3.49 3.94 -2.94
C1 HNF C . -2.65 2.88 -2.43
C2 HNF C . -2.42 1.68 -3.09
C3 HNF C . -1.51 0.75 -2.59
C4 HNF C . -0.87 1.01 -1.37
C5 HNF C . -1.14 2.19 -0.69
C6 HNF C . -2.05 3.12 -1.19
C7 HNF C . 0.08 0.23 -0.61
C8 HNF C . 0.40 0.92 0.55
C9 HNF C . -0.34 2.24 0.58
C10 HNF C . 0.65 -1.02 -0.86
C11 HNF C . 1.58 -1.55 0.04
C12 HNF C . 1.87 -0.84 1.19
C13 HNF C . 1.32 0.41 1.47
N1 HNF C . 2.82 -1.42 2.17
O2 HNF C . 3.07 -0.79 3.19
O3 HNF C . 3.30 -2.53 1.91
H25' HNF C . -2.95 1.45 -4.02
H4' HNF C . -1.30 -0.16 -3.16
H1' HNF C . -2.32 4.02 -0.65
H12' HNF C . -0.98 2.32 1.46
H22' HNF C . 0.34 3.09 0.61
H3' HNF C . 0.38 -1.58 -1.76
HO3' HNF C . 2.08 -2.50 -0.16
H3 HNF C . 1.61 0.95 2.37
O5' 3DR A 7 -7.01 7.92 -3.62
P 3DR A 7 -6.19 9.20 -3.13
OP1 3DR A 7 -6.64 10.37 -3.93
OP2 3DR A 7 -6.24 9.25 -1.65
C2' 3DR A 7 -5.31 4.44 -1.36
C5' 3DR A 7 -7.20 6.79 -2.77
C4' 3DR A 7 -6.27 5.67 -3.19
O4' 3DR A 7 -4.91 6.10 -2.99
C1' 3DR A 7 -4.24 5.20 -2.12
C3' 3DR A 7 -6.43 4.37 -2.39
O3' 3DR A 7 -6.25 3.24 -3.25
H2' 3DR A 7 -5.64 4.95 -0.46
H2'' 3DR A 7 -4.98 3.45 -1.07
H5' 3DR A 7 -8.23 6.44 -2.85
H5'' 3DR A 7 -6.99 7.06 -1.74
H4'1 3DR A 7 -6.50 5.43 -4.23
H1'2 3DR A 7 -3.61 5.81 -1.45
H3' 3DR A 7 -7.41 4.32 -1.91
O5' 3DR B 7 6.46 -6.81 3.98
P 3DR B 7 6.23 -6.20 5.43
OP1 3DR B 7 6.05 -7.32 6.38
OP2 3DR B 7 7.29 -5.20 5.69
C2' 3DR B 7 3.94 -5.06 2.16
C5' 3DR B 7 5.47 -7.63 3.36
C4' 3DR B 7 5.14 -7.10 1.98
O4' 3DR B 7 3.75 -7.37 1.70
C1' 3DR B 7 3.01 -6.16 1.66
C3' 3DR B 7 5.31 -5.60 1.80
O3' 3DR B 7 5.64 -5.30 0.43
H2' 3DR B 7 3.85 -4.90 3.23
H2'' 3DR B 7 3.75 -4.11 1.66
H5' 3DR B 7 4.57 -7.64 3.96
H5'' 3DR B 7 5.86 -8.65 3.26
H4'1 3DR B 7 5.82 -7.58 1.27
H1'1 3DR B 7 2.68 -5.98 0.64
H1'2 3DR B 7 2.13 -6.26 2.29
H3' 3DR B 7 6.09 -5.21 2.46
O1 HNF C . -3.42 4.37 -2.91
C1 HNF C . -2.60 3.34 -2.32
C2 HNF C . -2.28 2.14 -2.96
C3 HNF C . -1.39 1.25 -2.37
C4 HNF C . -0.84 1.53 -1.12
C5 HNF C . -1.19 2.72 -0.48
C6 HNF C . -2.09 3.61 -1.05
C7 HNF C . 0.07 0.79 -0.27
C8 HNF C . 0.30 1.52 0.89
C9 HNF C . -0.48 2.81 0.85
C10 HNF C . 0.67 -0.45 -0.46
C11 HNF C . 1.55 -0.93 0.51
C12 HNF C . 1.76 -0.21 1.67
C13 HNF C . 1.14 1.04 1.89
N1 HNF C . 2.65 -0.75 2.72
O2 HNF C . 2.81 -0.08 3.73
O3 HNF C . 3.18 -1.83 2.51
H25' HNF C . -2.73 1.89 -3.92
H4' HNF C . -1.13 0.33 -2.89
H1' HNF C . -2.41 4.52 -0.54
H12' HNF C . -1.17 2.89 1.68
H22' HNF C . 0.19 3.68 0.89
H3' HNF C . 0.48 -1.04 -1.35
HO3' HNF C . 2.09 -1.88 0.37
H3 HNF C . 1.34 1.58 2.81
O5' 3DR A 7 -7.14 7.53 -3.15
P 3DR A 7 -6.37 8.88 -2.77
OP1 3DR A 7 -6.92 9.98 -3.61
OP2 3DR A 7 -6.39 9.02 -1.29
C2' 3DR A 7 -5.20 4.07 -1.08
C5' 3DR A 7 -7.16 6.41 -2.27
C4' 3DR A 7 -6.28 5.30 -2.81
O4' 3DR A 7 -4.90 5.73 -2.73
C1' 3DR A 7 -4.17 4.86 -1.86
C3' 3DR A 7 -6.36 3.99 -2.05
O3' 3DR A 7 -6.18 2.89 -2.95
H2' 3DR A 7 -5.50 4.57 -0.15
H2'' 3DR A 7 -4.83 3.08 -0.81
H5' 3DR A 7 -8.19 6.03 -2.18
H5'' 3DR A 7 -6.80 6.70 -1.29
H4'1 3DR A 7 -6.60 5.10 -3.83
H1'2 3DR A 7 -3.54 5.49 -1.23
H3' 3DR A 7 -7.32 3.88 -1.54
O5' 3DR B 7 5.63 -7.47 3.89
P 3DR B 7 5.92 -6.45 5.09
OP1 3DR B 7 6.64 -7.19 6.16
OP2 3DR B 7 6.51 -5.21 4.52
C2' 3DR B 7 4.62 -5.23 1.81
C5' 3DR B 7 6.57 -7.66 2.84
C4' 3DR B 7 6.00 -7.15 1.54
O4' 3DR B 7 4.62 -7.55 1.43
C1' 3DR B 7 3.79 -6.40 1.34
C3' 3DR B 7 6.01 -5.64 1.38
O3' 3DR B 7 6.24 -5.27 0.00
H2' 3DR B 7 4.55 -5.10 2.90
H2'' 3DR B 7 4.31 -4.29 1.35
H5' 3DR B 7 6.79 -8.73 2.74
H5'' 3DR B 7 7.49 -7.13 3.06
H4'1 3DR B 7 6.62 -7.55 0.73
H1'1 3DR B 7 3.49 -6.28 0.29
H1'2 3DR B 7 2.89 -6.54 1.94
H3' 3DR B 7 6.78 -5.17 2.00
O1 HNF C . -3.36 4.05 -2.69
C1 HNF C . -2.49 3.03 -2.12
C2 HNF C . -2.16 1.84 -2.78
C3 HNF C . -1.24 0.97 -2.21
C4 HNF C . -0.68 1.25 -0.97
C5 HNF C . -1.05 2.43 -0.31
C6 HNF C . -1.97 3.31 -0.86
C7 HNF C . 0.27 0.52 -0.15
C8 HNF C . 0.50 1.25 1.02
C9 HNF C . -0.30 2.53 1.00
C10 HNF C . 0.91 -0.70 -0.37
C11 HNF C . 1.81 -1.18 0.59
C12 HNF C . 2.02 -0.45 1.76
C13 HNF C . 1.39 0.78 1.99
N1 HNF C . 2.94 -0.99 2.78
O2 HNF C . 3.12 -0.33 3.80
O3 HNF C . 3.50 -2.06 2.55
H25' HNF C . -2.62 1.58 -3.73
H4' HNF C . -0.97 0.07 -2.75
H1' HNF C . -2.30 4.20 -0.33
H12' HNF C . -0.98 2.59 1.85
H22' HNF C . 0.34 3.40 1.04
H3' HNF C . 0.71 -1.28 -1.26
HO3' HNF C . 2.37 -2.10 0.43
H3 HNF C . 1.59 1.32 2.91
O5' 3DR A 7 -6.59 6.70 -3.21
P 3DR A 7 -5.91 8.10 -2.87
OP1 3DR A 7 -6.58 9.15 -3.67
OP2 3DR A 7 -5.86 8.23 -1.40
C2' 3DR A 7 -5.34 2.89 -2.56
C5' 3DR A 7 -6.25 5.98 -4.40
C4' 3DR A 7 -5.39 4.78 -4.05
O4' 3DR A 7 -4.57 5.09 -2.91
C1' 3DR A 7 -4.18 3.86 -2.34
C3' 3DR A 7 -6.17 3.53 -3.65
O3' 3DR A 7 -6.28 2.64 -4.77
H2' 3DR A 7 -5.93 2.77 -1.64
H2'' 3DR A 7 -4.99 1.90 -2.85
H5' 3DR A 7 -5.69 6.63 -5.08
H5'' 3DR A 7 -7.15 5.64 -4.90
H4'1 3DR A 7 -4.81 4.53 -4.93
H1'2 3DR A 7 -3.96 4.02 -1.28
H3' 3DR A 7 -7.17 3.79 -3.30
O5' 3DR B 7 5.77 -8.18 3.67
P 3DR B 7 6.07 -7.19 4.88
OP1 3DR B 7 6.81 -7.96 5.93
OP2 3DR B 7 6.67 -5.95 4.33
C2' 3DR B 7 4.91 -5.86 1.57
C5' 3DR B 7 6.73 -8.38 2.62
C4' 3DR B 7 6.18 -7.87 1.31
O4' 3DR B 7 4.77 -8.19 1.22
C1' 3DR B 7 4.00 -7.00 1.15
C3' 3DR B 7 6.28 -6.36 1.13
O3' 3DR B 7 6.51 -6.04 -0.25
H2' 3DR B 7 4.88 -5.68 2.64
H2'' 3DR B 7 4.64 -4.93 1.07
H5' 3DR B 7 6.94 -9.45 2.52
H5'' 3DR B 7 7.65 -7.86 2.86
H4'1 3DR B 7 6.77 -8.31 0.51
H1'1 3DR B 7 3.63 -6.88 0.13
H1'2 3DR B 7 3.14 -7.11 1.82
H3' 3DR B 7 7.08 -5.93 1.73
O1 HNF C . -3.00 3.45 -3.00
C1 HNF C . -2.17 2.40 -2.44
C2 HNF C . -1.83 1.22 -3.10
C3 HNF C . -0.92 0.33 -2.53
C4 HNF C . -0.41 0.59 -1.26
C5 HNF C . -0.79 1.76 -0.59
C6 HNF C . -1.70 2.65 -1.15
C7 HNF C . 0.52 -0.16 -0.43
C8 HNF C . 0.71 0.56 0.77
C9 HNF C . -0.10 1.82 0.75
C10 HNF C . 1.16 -1.37 -0.64
C11 HNF C . 2.03 -1.86 0.34
C12 HNF C . 2.20 -1.16 1.52
C13 HNF C . 1.54 0.06 1.76
N1 HNF C . 3.11 -1.70 2.56
O2 HNF C . 3.25 -1.06 3.59
O3 HNF C . 3.66 -2.77 2.32
H25' HNF C . -2.27 0.98 -4.07
H4' HNF C . -0.63 -0.56 -3.08
H1' HNF C . -2.06 3.53 -0.63
H12' HNF C . -0.81 1.87 1.58
H22' HNF C . 0.53 2.70 0.83
H3' HNF C . 1.00 -1.94 -1.55
HO3' HNF C . 2.57 -2.80 0.18
H3 HNF C . 1.71 0.59 2.70
O5' 3DR A 7 -6.80 8.20 -3.22
P 3DR A 7 -5.91 9.51 -3.02
OP1 3DR A 7 -6.42 10.54 -3.96
OP2 3DR A 7 -5.86 9.81 -1.57
C2' 3DR A 7 -5.21 4.48 -0.92
C5' 3DR A 7 -6.81 7.16 -2.25
C4' 3DR A 7 -5.80 6.10 -2.60
O4' 3DR A 7 -4.52 6.44 -2.01
C1' 3DR A 7 -4.01 5.33 -1.30
C3' 3DR A 7 -6.14 4.69 -2.09
O3' 3DR A 7 -5.89 3.72 -3.12
H2' 3DR A 7 -5.66 4.81 0.01
H2'' 3DR A 7 -4.94 3.43 -0.81
H5' 3DR A 7 -7.80 6.71 -2.21
H5'' 3DR A 7 -6.57 7.57 -1.26
H4'1 3DR A 7 -5.75 6.03 -3.69
H1'2 3DR A 7 -3.46 5.70 -0.43
H3' 3DR A 7 -7.19 4.64 -1.79
O5' 3DR B 7 6.71 -6.23 3.92
P 3DR B 7 6.21 -6.31 5.43
OP1 3DR B 7 5.99 -7.75 5.77
OP2 3DR B 7 7.14 -5.50 6.25
C2' 3DR B 7 4.95 -4.58 1.84
C5' 3DR B 7 6.50 -7.31 3.00
C4' 3DR B 7 5.54 -6.91 1.91
O4' 3DR B 7 4.23 -6.72 2.50
C1' 3DR B 7 3.75 -5.42 2.22
C3' 3DR B 7 5.88 -5.59 1.19
O3' 3DR B 7 5.60 -5.72 -0.21
H2' 3DR B 7 5.42 -4.12 2.71
H2'' 3DR B 7 4.69 -3.78 1.15
H5' 3DR B 7 6.11 -8.17 3.53
H5'' 3DR B 7 7.46 -7.58 2.55
H4'1 3DR B 7 5.56 -7.68 1.15
H1'1 3DR B 7 3.02 -5.48 1.40
H1'2 3DR B 7 3.24 -5.03 3.10
H3' 3DR B 7 6.93 -5.34 1.33
O1 HNF C . -3.10 4.65 -2.16
C1 HNF C . -2.32 3.53 -1.69
C2 HNF C . -2.19 2.33 -2.37
C3 HNF C . -1.37 1.32 -1.87
C4 HNF C . -0.70 1.51 -0.66
C5 HNF C . -0.86 2.71 0.03
C6 HNF C . -1.67 3.72 -0.47
C7 HNF C . 0.20 0.64 0.09
C8 HNF C . 0.59 1.32 1.25
C9 HNF C . -0.06 2.67 1.30
C10 HNF C . 0.67 -0.65 -0.18
C11 HNF C . 1.52 -1.27 0.74
C12 HNF C . 1.92 -0.57 1.89
C13 HNF C . 1.45 0.72 2.17
N1 HNF C . 2.85 -1.22 2.82
O2 HNF C . 3.19 -0.58 3.82
O3 HNF C . 3.25 -2.34 2.56
H25' HNF C . -2.73 2.15 -3.30
H4' HNF C . -1.25 0.39 -2.44
H1' HNF C . -1.82 4.66 0.06
H12' HNF C . -0.69 2.79 2.19
H22' HNF C . 0.68 3.48 1.34
H3' HNF C . 0.37 -1.17 -1.08
HO3' HNF C . 1.88 -2.28 0.58
H3 HNF C . 1.77 1.21 3.09
O5' 3DR A 7 -6.74 8.16 -3.40
P 3DR A 7 -5.86 9.48 -3.25
OP1 3DR A 7 -6.33 10.46 -4.26
OP2 3DR A 7 -5.83 9.87 -1.81
C2' 3DR A 7 -5.25 4.40 -1.08
C5' 3DR A 7 -6.74 7.16 -2.39
C4' 3DR A 7 -5.78 6.05 -2.76
O4' 3DR A 7 -4.48 6.33 -2.18
C1' 3DR A 7 -4.01 5.20 -1.47
C3' 3DR A 7 -6.18 4.65 -2.25
O3' 3DR A 7 -5.98 3.67 -3.27
H2' 3DR A 7 -5.69 4.76 -0.14
H2'' 3DR A 7 -5.04 3.35 -0.96
H5' 3DR A 7 -7.75 6.74 -2.29
H5'' 3DR A 7 -6.44 7.58 -1.44
H4'1 3DR A 7 -5.75 5.98 -3.85
H1'2 3DR A 7 -3.45 5.55 -0.61
H3' 3DR A 7 -7.23 4.64 -1.94
O5' 3DR B 7 6.66 -6.47 3.71
P 3DR B 7 6.23 -6.47 5.25
OP1 3DR B 7 6.03 -7.88 5.68
OP2 3DR B 7 7.20 -5.62 5.99
C2' 3DR B 7 4.83 -4.78 1.76
C5' 3DR B 7 6.35 -7.56 2.85
C4' 3DR B 7 5.37 -7.12 1.78
O4' 3DR B 7 4.08 -6.92 2.40
C1' 3DR B 7 3.62 -5.60 2.14
C3' 3DR B 7 5.72 -5.81 1.09
O3' 3DR B 7 5.44 -5.90 -0.31
H2' 3DR B 7 5.33 -4.33 2.62
H2'' 3DR B 7 4.57 -3.98 1.07
H5' 3DR B 7 5.90 -8.37 3.43
H5'' 3DR B 7 7.26 -7.93 2.37
H4'1 3DR B 7 5.36 -7.89 1.01
H1'1 3DR B 7 2.88 -5.64 1.34
H1'2 3DR B 7 3.14 -5.21 3.04
H3' 3DR B 7 6.79 -5.57 1.21
O1 HNF C . -3.15 4.48 -2.33
C1 HNF C . -2.38 3.36 -1.84
C2 HNF C . -2.25 2.14 -2.50
C3 HNF C . -1.43 1.13 -1.99
C4 HNF C . -0.76 1.34 -0.79
C5 HNF C . -0.91 2.55 -0.12
C6 HNF C . -1.72 3.57 -0.62
C7 HNF C . 0.14 0.49 -0.03
C8 HNF C . 0.54 1.18 1.12
C9 HNF C . -0.10 2.54 1.16
C10 HNF C . 0.60 -0.80 -0.28
C11 HNF C . 1.45 -1.41 0.64
C12 HNF C . 1.87 -0.70 1.77
C13 HNF C . 1.41 0.59 2.04
N1 HNF C . 2.82 -1.33 2.71
O2 HNF C . 3.16 -0.69 3.70
O3 HNF C . 3.20 -2.47 2.46
H25' HNF C . -2.80 1.96 -3.44
H4' HNF C . -1.33 0.20 -2.54
H1' HNF C . -1.86 4.52 -0.11
H12' HNF C . -0.73 2.67 2.03
H22' HNF C . 0.64 3.33 1.18
H3' HNF C . 0.29 -1.35 -1.17
HO3' HNF C . 1.80 -2.44 0.50
H3 HNF C . 1.73 1.10 2.95
O5' 3DR A 7 -6.74 7.78 -3.36
P 3DR A 7 -5.88 9.09 -3.07
OP1 3DR A 7 -6.38 10.18 -3.97
OP2 3DR A 7 -5.83 9.32 -1.61
C2' 3DR A 7 -5.20 4.01 -1.13
C5' 3DR A 7 -6.79 6.71 -2.41
C4' 3DR A 7 -5.80 5.63 -2.80
O4' 3DR A 7 -4.51 5.96 -2.23
C1' 3DR A 7 -4.00 4.84 -1.52
C3' 3DR A 7 -6.16 4.24 -2.29
O3' 3DR A 7 -5.92 3.26 -3.33
H2' 3DR A 7 -5.65 4.34 -0.20
H2'' 3DR A 7 -4.95 2.95 -1.03
H5' 3DR A 7 -7.79 6.29 -2.39
H5'' 3DR A 7 -6.54 7.08 -1.42
H4'1 3DR A 7 -5.79 5.58 -3.89
H1'2 3DR A 7 -3.44 5.21 -0.67
H3' 3DR A 7 -7.20 4.19 -1.98
O5' 3DR B 7 5.99 -7.64 3.94
P 3DR B 7 6.19 -6.45 4.98
OP1 3DR B 7 6.83 -6.99 6.20
OP2 3DR B 7 6.80 -5.29 4.25
C2' 3DR B 7 5.15 -4.90 1.47
C5' 3DR B 7 6.64 -7.64 2.67
C4' 3DR B 7 5.66 -7.25 1.58
O4' 3DR B 7 4.36 -7.01 2.17
C1' 3DR B 7 3.93 -5.69 1.90
C3' 3DR B 7 6.01 -5.96 0.82
O3' 3DR B 7 5.68 -6.11 -0.56
H2' 3DR B 7 5.67 -4.46 2.33
H2'' 3DR B 7 4.90 -4.11 0.78
H5' 3DR B 7 7.04 -8.63 2.45
H5'' 3DR B 7 7.46 -6.92 2.68
H4'1 3DR B 7 5.65 -8.05 0.84
H1'1 3DR B 7 3.17 -5.72 1.11
H1'2 3DR B 7 3.47 -5.28 2.79
H3' 3DR B 7 7.08 -5.74 0.90
O1 HNF C . -3.12 4.15 -2.40
C1 HNF C . -2.31 3.05 -1.93
C2 HNF C . -2.16 1.84 -2.60
C3 HNF C . -1.32 0.85 -2.09
C4 HNF C . -0.65 1.06 -0.89
C5 HNF C . -0.82 2.26 -0.20
C6 HNF C . -1.66 3.25 -0.71
C7 HNF C . 0.27 0.23 -0.14
C8 HNF C . 0.66 0.91 1.02
C9 HNF C . -0.01 2.26 1.06
C10 HNF C . 0.75 -1.07 -0.39
C11 HNF C . 1.63 -1.66 0.53
C12 HNF C . 2.02 -0.94 1.65
C13 HNF C . 1.53 0.33 1.93
N1 HNF C . 2.98 -1.56 2.60
O2 HNF C . 3.32 -0.92 3.58
O3 HNF C . 3.40 -2.69 2.33
H25' HNF C . -2.70 1.65 -3.52
H4' HNF C . -1.20 -0.08 -2.64
H1' HNF C . -1.82 4.20 -0.18
H12' HNF C . -0.64 2.37 1.95
H22' HNF C . 0.72 3.07 1.08
H3' HNF C . 0.46 -1.61 -1.28
HO3' HNF C . 2.01 -2.67 0.37
H3 HNF C . 1.84 0.84 2.85
O5' 3DR A 7 -6.75 7.11 -3.13
P 3DR A 7 -6.02 8.49 -2.80
OP1 3DR A 7 -6.68 9.55 -3.59
OP2 3DR A 7 -5.92 8.62 -1.33
C2' 3DR A 7 -5.56 3.27 -2.50
C5' 3DR A 7 -6.46 6.38 -4.32
C4' 3DR A 7 -5.62 5.16 -4.00
O4' 3DR A 7 -4.76 5.45 -2.89
C1' 3DR A 7 -4.38 4.20 -2.32
C3' 3DR A 7 -6.43 3.93 -3.58
O3' 3DR A 7 -6.59 3.05 -4.69
H2' 3DR A 7 -6.13 3.15 -1.58
H2'' 3DR A 7 -5.24 2.27 -2.82
H5' 3DR A 7 -5.90 7.01 -5.02
H5'' 3DR A 7 -7.39 6.06 -4.79
H4'1 3DR A 7 -5.08 4.89 -4.90
H1'2 3DR A 7 -4.12 4.36 -1.28
H3' 3DR A 7 -7.39 4.21 -3.18
O5' 3DR B 7 5.46 -8.09 3.49
P 3DR B 7 5.80 -7.09 4.69
OP1 3DR B 7 6.54 -7.84 5.73
OP2 3DR B 7 6.41 -5.86 4.11
C2' 3DR B 7 4.54 -5.74 1.42
C5' 3DR B 7 6.37 -8.30 2.41
C4' 3DR B 7 5.78 -7.77 1.12
O4' 3DR B 7 4.36 -8.07 1.10
C1' 3DR B 7 3.61 -6.87 1.04
C3' 3DR B 7 5.89 -6.25 0.93
O3' 3DR B 7 6.08 -5.94 -0.45
H2' 3DR B 7 4.55 -5.56 2.50
H2'' 3DR B 7 4.28 -4.80 0.94
H5' 3DR B 7 6.59 -9.36 2.30
H5'' 3DR B 7 7.31 -7.77 2.61
H4'1 3DR B 7 6.33 -8.21 0.30
H1'1 3DR B 7 3.23 -6.75 0.02
H1'2 3DR B 7 2.76 -6.95 1.71
H3' 3DR B 7 6.71 -5.84 1.52
O1 HNF C . -3.22 3.76 -3.02
C1 HNF C . -2.40 2.71 -2.48
C2 HNF C . -2.10 1.52 -3.15
C3 HNF C . -1.20 0.61 -2.59
C4 HNF C . -0.66 0.85 -1.33
C5 HNF C . -1.00 2.02 -0.65
C6 HNF C . -1.90 2.94 -1.20
C7 HNF C . 0.26 0.09 -0.52
C8 HNF C . 0.49 0.78 0.67
C9 HNF C . -0.28 2.08 0.67
C10 HNF C . 0.87 -1.15 -0.74
C11 HNF C . 1.75 -1.66 0.21
C12 HNF C . 1.96 -0.96 1.40
C13 HNF C . 1.34 0.28 1.65
N1 HNF C . 2.86 -1.53 2.42
O2 HNF C . 3.03 -0.90 3.46
O3 HNF C . 3.39 -2.61 2.18
H25' HNF C . -2.56 1.30 -4.11
H4' HNF C . -0.95 -0.29 -3.15
H1' HNF C . -2.23 3.83 -0.67
H12' HNF C . -0.98 2.14 1.50
H22' HNF C . 0.37 2.94 0.74
H3' HNF C . 0.67 -1.71 -1.66
HO3' HNF C . 2.28 -2.60 0.05
H3 HNF C . 1.53 0.79 2.59
O5' 3DR A 7 -6.02 8.18 -1.98
P 3DR A 7 -5.96 8.93 -3.38
OP1 3DR A 7 -6.91 8.26 -4.31
OP2 3DR A 7 -6.08 10.39 -3.12
C2' 3DR A 7 -5.09 4.07 -0.99
C5' 3DR A 7 -6.61 6.87 -1.87
C4' 3DR A 7 -5.72 5.83 -2.49
O4' 3DR A 7 -4.36 6.05 -2.04
C1' 3DR A 7 -3.88 4.91 -1.35
C3' 3DR A 7 -6.06 4.39 -2.12
O3' 3DR A 7 -5.84 3.52 -3.23
H2' 3DR A 7 -5.51 4.35 -0.02
H2'' 3DR A 7 -4.87 3.01 -0.94
H5' 3DR A 7 -7.57 6.86 -2.37
H5'' 3DR A 7 -6.77 6.63 -0.82
H4'1 3DR A 7 -5.82 5.92 -3.57
H1'2 3DR A 7 -3.33 5.24 -0.47
H3' 3DR A 7 -7.10 4.30 -1.80
O5' 3DR B 7 6.24 -7.63 3.81
P 3DR B 7 6.42 -6.44 4.86
OP1 3DR B 7 7.08 -7.00 6.07
OP2 3DR B 7 7.01 -5.27 4.17
C2' 3DR B 7 5.21 -4.92 1.49
C5' 3DR B 7 6.89 -7.58 2.54
C4' 3DR B 7 5.91 -7.21 1.45
O4' 3DR B 7 4.58 -7.13 2.02
C1' 3DR B 7 4.04 -5.82 1.82
C3' 3DR B 7 6.16 -5.86 0.78
O3' 3DR B 7 5.87 -5.94 -0.62
H2' 3DR B 7 5.65 -4.49 2.38
H2'' 3DR B 7 4.90 -4.10 0.84
H5' 3DR B 7 7.32 -8.56 2.31
H5'' 3DR B 7 7.70 -6.85 2.56
H4'1 3DR B 7 5.99 -7.96 0.66
H1'1 3DR B 7 3.32 -5.88 1.01
H1'2 3DR B 7 3.52 -5.51 2.72
H3' 3DR B 7 7.21 -5.55 0.91
O1 HNF C . -2.99 4.22 -2.23
C1 HNF C . -2.21 3.10 -1.78
C2 HNF C . -2.08 1.89 -2.46
C3 HNF C . -1.26 0.88 -1.98
C4 HNF C . -0.59 1.06 -0.77
C5 HNF C . -0.75 2.25 -0.07
C6 HNF C . -1.56 3.28 -0.56
C7 HNF C . 0.31 0.20 -0.03
C8 HNF C . 0.70 0.85 1.14
C9 HNF C . 0.06 2.21 1.21
C10 HNF C . 0.77 -1.10 -0.31
C11 HNF C . 1.63 -1.73 0.60
C12 HNF C . 2.03 -1.04 1.74
C13 HNF C . 1.58 0.25 2.04
N1 HNF C . 2.99 -1.69 2.67
O2 HNF C . 3.33 -1.06 3.67
O3 HNF C . 3.37 -2.82 2.39
H25' HNF C . -2.63 1.73 -3.39
H4' HNF C . -1.15 -0.04 -2.55
H1' HNF C . -1.69 4.22 -0.03
H12' HNF C . -0.57 2.31 2.09
H22' HNF C . 0.79 3.01 1.25
H3' HNF C . 0.49 -1.61 -1.22
HO3' HNF C . 1.96 -2.75 0.44
H3 HNF C . 1.90 0.73 2.96
#